data_6XK6
#
_entry.id   6XK6
#
_cell.length_a   80.160
_cell.length_b   94.330
_cell.length_c   61.950
_cell.angle_alpha   90.000
_cell.angle_beta   90.000
_cell.angle_gamma   90.000
#
_symmetry.space_group_name_H-M   'P 21 21 2'
#
loop_
_entity.id
_entity.type
_entity.pdbx_description
1 polymer 'Nitric oxide synthase oxygenase'
2 non-polymer 'PROTOPORPHYRIN IX CONTAINING FE'
3 non-polymer 7-{[3-({[2-(pyridin-2-yl)ethyl]amino}methyl)phenoxy]methyl}quinolin-2-amine
4 non-polymer 'CHLORIDE ION'
5 non-polymer GLYCEROL
6 water water
#
_entity_poly.entity_id   1
_entity_poly.type   'polypeptide(L)'
_entity_poly.pdbx_seq_one_letter_code
;MEEKEILWNEAKAFIAACYQELGKAAEVKDRLADIKSEIDLTGSYVHTKEELEHGAKMAWRNSNRCIGRLFWNSLNVIDR
RDVRTKEEVRDALFHHIETATNNGKIRPTITIFPPEEKGEKQVEIWNHQLIRYAGYESDGERIGDPASCSLTAACEELGW
RGERTDFDLLPLIFRMKGDEQPVWYELPRSLVIEVPITHPDIEAFSDLELKWYGVPIISDMKLEVGGIHYNAAPFNGWYM
GTEIGARNLADEKRYDKLKKVASVIGIAADYNTDLWKDQALVELNKAVLHSYKKQGVSIVDHHTAASQFKRFEEQAEEAG
RKLTGDWTWLIPPISPAATHIFHRSYDNSIVKPNYFYQDKPYE
;
_entity_poly.pdbx_strand_id   A
#
loop_
_chem_comp.id
_chem_comp.type
_chem_comp.name
_chem_comp.formula
CL non-polymer 'CHLORIDE ION' 'Cl -1'
GOL non-polymer GLYCEROL 'C3 H8 O3'
HEM non-polymer 'PROTOPORPHYRIN IX CONTAINING FE' 'C34 H32 Fe N4 O4'
V57 non-polymer 7-{[3-({[2-(pyridin-2-yl)ethyl]amino}methyl)phenoxy]methyl}quinolin-2-amine 'C24 H24 N4 O'
#
# COMPACT_ATOMS: atom_id res chain seq x y z
N GLU A 2 -22.15 -23.39 9.31
CA GLU A 2 -21.09 -22.94 10.21
C GLU A 2 -20.27 -21.84 9.54
N GLU A 3 -19.85 -22.11 8.30
CA GLU A 3 -19.12 -21.12 7.51
C GLU A 3 -20.08 -20.03 7.07
N LYS A 4 -21.11 -20.43 6.30
CA LYS A 4 -22.30 -19.65 5.97
C LYS A 4 -22.74 -18.74 7.10
N GLU A 5 -22.48 -19.15 8.36
CA GLU A 5 -23.14 -18.42 9.43
C GLU A 5 -22.40 -17.11 9.69
N ILE A 6 -21.07 -17.16 9.83
CA ILE A 6 -20.29 -15.94 9.99
C ILE A 6 -20.49 -15.01 8.79
N LEU A 7 -20.57 -15.59 7.59
CA LEU A 7 -20.76 -14.77 6.40
C LEU A 7 -22.03 -13.95 6.51
N TRP A 8 -23.13 -14.60 6.90
CA TRP A 8 -24.41 -13.91 6.99
C TRP A 8 -24.36 -12.78 8.01
N ASN A 9 -23.67 -13.01 9.13
CA ASN A 9 -23.56 -11.98 10.14
C ASN A 9 -22.77 -10.78 9.64
N GLU A 10 -21.59 -11.04 9.05
CA GLU A 10 -20.78 -9.94 8.55
C GLU A 10 -21.54 -9.17 7.48
N ALA A 11 -22.33 -9.88 6.68
CA ALA A 11 -23.14 -9.22 5.64
C ALA A 11 -24.20 -8.33 6.25
N LYS A 12 -24.79 -8.73 7.39
CA LYS A 12 -25.81 -7.88 7.99
C LYS A 12 -25.21 -6.59 8.50
N ALA A 13 -24.12 -6.73 9.25
CA ALA A 13 -23.44 -5.56 9.78
C ALA A 13 -23.00 -4.64 8.64
N PHE A 14 -22.42 -5.25 7.58
CA PHE A 14 -21.87 -4.45 6.51
C PHE A 14 -22.97 -3.77 5.70
N ILE A 15 -23.98 -4.52 5.26
CA ILE A 15 -25.00 -3.92 4.41
C ILE A 15 -25.77 -2.82 5.15
N ALA A 16 -26.16 -3.08 6.40
CA ALA A 16 -26.82 -2.06 7.20
C ALA A 16 -25.98 -0.78 7.26
N ALA A 17 -24.70 -0.91 7.62
CA ALA A 17 -23.87 0.28 7.79
C ALA A 17 -23.64 0.98 6.46
N CYS A 18 -23.38 0.21 5.40
CA CYS A 18 -23.07 0.79 4.10
C CYS A 18 -24.29 1.49 3.50
N TYR A 19 -25.44 0.82 3.48
CA TYR A 19 -26.64 1.46 2.95
C TYR A 19 -27.03 2.68 3.75
N GLN A 20 -26.78 2.65 5.06
CA GLN A 20 -27.04 3.83 5.90
C GLN A 20 -26.18 5.02 5.46
N GLU A 21 -24.89 4.80 5.24
CA GLU A 21 -24.02 5.88 4.77
C GLU A 21 -24.37 6.33 3.36
N LEU A 22 -24.86 5.41 2.54
CA LEU A 22 -25.25 5.79 1.17
C LEU A 22 -26.66 6.37 1.11
N GLY A 23 -27.34 6.52 2.25
CA GLY A 23 -28.70 7.02 2.23
C GLY A 23 -29.73 6.06 1.67
N LYS A 24 -29.40 4.76 1.59
CA LYS A 24 -30.24 3.70 1.05
C LYS A 24 -30.80 2.77 2.14
N ALA A 25 -31.06 3.32 3.33
CA ALA A 25 -31.41 2.48 4.49
C ALA A 25 -32.70 1.71 4.26
N ALA A 26 -33.63 2.27 3.48
CA ALA A 26 -34.89 1.57 3.26
C ALA A 26 -34.71 0.38 2.31
N GLU A 27 -33.65 0.37 1.49
CA GLU A 27 -33.35 -0.76 0.63
C GLU A 27 -32.69 -1.92 1.35
N VAL A 28 -32.51 -1.82 2.66
CA VAL A 28 -31.68 -2.77 3.37
C VAL A 28 -32.36 -4.14 3.48
N LYS A 29 -33.62 -4.17 3.96
CA LYS A 29 -34.27 -5.46 4.18
C LYS A 29 -34.34 -6.30 2.90
N ASP A 30 -34.78 -5.69 1.80
CA ASP A 30 -34.89 -6.44 0.56
C ASP A 30 -33.53 -6.95 0.10
N ARG A 31 -32.47 -6.15 0.31
CA ARG A 31 -31.16 -6.63 -0.09
C ARG A 31 -30.68 -7.75 0.83
N LEU A 32 -30.97 -7.68 2.15
CA LEU A 32 -30.49 -8.80 2.96
C LEU A 32 -31.32 -10.05 2.75
N ALA A 33 -32.61 -9.90 2.46
CA ALA A 33 -33.41 -11.02 1.97
C ALA A 33 -32.67 -11.73 0.85
N ASP A 34 -32.38 -10.97 -0.22
CA ASP A 34 -31.72 -11.52 -1.40
C ASP A 34 -30.38 -12.14 -1.04
N ILE A 35 -29.64 -11.50 -0.11
CA ILE A 35 -28.36 -12.03 0.34
C ILE A 35 -28.57 -13.33 1.12
N LYS A 36 -29.53 -13.35 2.05
CA LYS A 36 -29.79 -14.57 2.80
C LYS A 36 -30.15 -15.73 1.87
N SER A 37 -30.89 -15.44 0.80
CA SER A 37 -31.18 -16.45 -0.21
C SER A 37 -29.89 -16.97 -0.82
N GLU A 38 -29.13 -16.04 -1.41
CA GLU A 38 -27.92 -16.38 -2.15
C GLU A 38 -26.96 -17.21 -1.30
N ILE A 39 -26.79 -16.86 -0.02
CA ILE A 39 -25.87 -17.61 0.83
C ILE A 39 -26.39 -19.03 1.05
N ASP A 40 -27.69 -19.16 1.25
CA ASP A 40 -28.27 -20.49 1.39
C ASP A 40 -28.09 -21.29 0.11
N LEU A 41 -28.48 -20.68 -1.02
CA LEU A 41 -28.37 -21.35 -2.31
C LEU A 41 -26.91 -21.67 -2.65
N THR A 42 -26.02 -20.68 -2.54
CA THR A 42 -24.71 -20.77 -3.17
C THR A 42 -23.55 -20.85 -2.20
N GLY A 43 -23.76 -20.57 -0.92
CA GLY A 43 -22.66 -20.52 0.04
C GLY A 43 -22.00 -19.15 0.15
N SER A 44 -22.35 -18.20 -0.70
CA SER A 44 -21.71 -16.90 -0.71
C SER A 44 -22.68 -15.89 -1.31
N TYR A 45 -22.22 -14.66 -1.49
CA TYR A 45 -23.04 -13.63 -2.11
C TYR A 45 -22.12 -12.67 -2.83
N VAL A 46 -22.69 -11.89 -3.75
CA VAL A 46 -21.91 -11.04 -4.64
C VAL A 46 -22.25 -9.59 -4.34
N HIS A 47 -21.23 -8.78 -4.09
CA HIS A 47 -21.47 -7.35 -3.86
C HIS A 47 -21.89 -6.69 -5.15
N THR A 48 -22.81 -5.73 -5.03
CA THR A 48 -23.05 -4.74 -6.07
C THR A 48 -21.80 -3.88 -6.26
N LYS A 49 -21.69 -3.25 -7.45
CA LYS A 49 -20.59 -2.32 -7.66
C LYS A 49 -20.59 -1.22 -6.61
N GLU A 50 -21.78 -0.79 -6.20
CA GLU A 50 -21.89 0.25 -5.19
C GLU A 50 -21.41 -0.24 -3.83
N GLU A 51 -21.74 -1.47 -3.45
CA GLU A 51 -21.29 -1.98 -2.17
C GLU A 51 -19.79 -2.21 -2.19
N LEU A 52 -19.27 -2.71 -3.30
CA LEU A 52 -17.86 -3.00 -3.40
C LEU A 52 -17.05 -1.71 -3.35
N GLU A 53 -17.46 -0.71 -4.11
CA GLU A 53 -16.79 0.59 -4.06
C GLU A 53 -16.83 1.19 -2.65
N HIS A 54 -18.03 1.30 -2.06
CA HIS A 54 -18.09 1.89 -0.74
C HIS A 54 -17.36 1.03 0.30
N GLY A 55 -17.49 -0.29 0.21
CA GLY A 55 -16.74 -1.15 1.12
C GLY A 55 -15.24 -0.95 1.09
N ALA A 56 -14.68 -0.75 -0.10
CA ALA A 56 -13.23 -0.53 -0.20
C ALA A 56 -12.83 0.81 0.42
N LYS A 57 -13.67 1.83 0.21
CA LYS A 57 -13.48 3.14 0.83
C LYS A 57 -13.59 3.06 2.34
N MET A 58 -14.59 2.33 2.84
CA MET A 58 -14.74 2.12 4.28
C MET A 58 -13.52 1.41 4.84
N ALA A 59 -12.97 0.46 4.09
CA ALA A 59 -11.84 -0.28 4.60
C ALA A 59 -10.62 0.63 4.77
N TRP A 60 -10.44 1.59 3.86
CA TRP A 60 -9.36 2.55 4.01
C TRP A 60 -9.62 3.44 5.22
N ARG A 61 -10.85 3.93 5.33
CA ARG A 61 -11.24 4.80 6.44
C ARG A 61 -10.98 4.15 7.78
N ASN A 62 -11.03 2.82 7.84
CA ASN A 62 -10.85 2.06 9.07
C ASN A 62 -9.43 1.61 9.31
N SER A 63 -8.50 2.01 8.45
CA SER A 63 -7.14 1.48 8.48
C SER A 63 -6.37 2.25 9.55
N ASN A 64 -6.31 1.66 10.74
CA ASN A 64 -5.79 2.33 11.92
C ASN A 64 -4.41 2.90 11.73
N ARG A 65 -3.58 2.26 10.90
CA ARG A 65 -2.19 2.67 10.78
C ARG A 65 -1.96 3.74 9.72
N CYS A 66 -3.01 4.16 9.00
CA CYS A 66 -2.87 5.03 7.83
C CYS A 66 -3.12 6.49 8.19
N ILE A 67 -2.10 7.32 7.99
CA ILE A 67 -2.20 8.76 8.24
C ILE A 67 -2.90 9.46 7.09
N GLY A 68 -3.11 8.76 5.98
CA GLY A 68 -3.59 9.45 4.80
C GLY A 68 -5.08 9.32 4.62
N ARG A 69 -5.79 8.93 5.69
CA ARG A 69 -7.21 8.58 5.51
C ARG A 69 -8.15 9.76 5.25
N LEU A 70 -7.69 11.01 5.29
CA LEU A 70 -8.59 12.12 4.97
C LEU A 70 -9.30 11.88 3.65
N PHE A 71 -8.58 11.29 2.70
CA PHE A 71 -9.04 11.17 1.33
C PHE A 71 -9.74 9.86 1.02
N TRP A 72 -10.19 9.14 2.05
CA TRP A 72 -10.77 7.81 1.88
C TRP A 72 -11.93 7.79 0.86
N ASN A 73 -12.73 8.87 0.80
CA ASN A 73 -13.93 8.86 -0.04
C ASN A 73 -13.64 9.13 -1.51
N SER A 74 -12.41 9.53 -1.87
CA SER A 74 -12.10 9.71 -3.27
C SER A 74 -11.31 8.56 -3.85
N LEU A 75 -11.18 7.46 -3.11
CA LEU A 75 -10.56 6.25 -3.62
C LEU A 75 -11.18 5.84 -4.97
N ASN A 76 -10.32 5.59 -5.96
CA ASN A 76 -10.75 5.16 -7.30
C ASN A 76 -10.82 3.63 -7.32
N VAL A 77 -12.01 3.05 -7.34
CA VAL A 77 -12.19 1.60 -7.20
C VAL A 77 -12.37 1.00 -8.58
N ILE A 78 -11.51 0.08 -8.96
CA ILE A 78 -11.64 -0.60 -10.25
C ILE A 78 -12.11 -2.04 -10.00
N ASP A 79 -13.28 -2.37 -10.54
CA ASP A 79 -13.92 -3.66 -10.29
C ASP A 79 -13.44 -4.66 -11.34
N ARG A 80 -12.53 -5.57 -10.94
CA ARG A 80 -12.03 -6.59 -11.87
C ARG A 80 -12.38 -8.01 -11.43
N ARG A 81 -13.58 -8.16 -10.88
CA ARG A 81 -14.08 -9.48 -10.48
C ARG A 81 -14.41 -10.36 -11.67
N ASP A 82 -14.41 -9.80 -12.87
CA ASP A 82 -14.66 -10.54 -14.11
C ASP A 82 -13.43 -11.26 -14.67
N VAL A 83 -12.22 -10.99 -14.16
CA VAL A 83 -11.03 -11.61 -14.77
C VAL A 83 -11.05 -13.11 -14.52
N ARG A 84 -10.57 -13.86 -15.51
CA ARG A 84 -10.48 -15.31 -15.43
C ARG A 84 -9.14 -15.86 -15.88
N THR A 85 -8.32 -15.08 -16.60
CA THR A 85 -7.06 -15.58 -17.15
C THR A 85 -5.85 -14.79 -16.67
N LYS A 86 -4.69 -15.45 -16.72
CA LYS A 86 -3.41 -14.82 -16.40
C LYS A 86 -3.21 -13.54 -17.18
N GLU A 87 -3.56 -13.57 -18.47
CA GLU A 87 -3.38 -12.40 -19.30
C GLU A 87 -4.26 -11.26 -18.82
N GLU A 88 -5.49 -11.57 -18.38
CA GLU A 88 -6.36 -10.50 -17.90
C GLU A 88 -5.85 -9.93 -16.58
N VAL A 89 -5.35 -10.80 -15.68
CA VAL A 89 -4.78 -10.32 -14.42
C VAL A 89 -3.63 -9.39 -14.71
N ARG A 90 -2.73 -9.83 -15.61
CA ARG A 90 -1.52 -9.08 -15.89
C ARG A 90 -1.87 -7.72 -16.47
N ASP A 91 -2.83 -7.70 -17.39
CA ASP A 91 -3.24 -6.45 -18.01
C ASP A 91 -3.97 -5.54 -17.00
N ALA A 92 -4.76 -6.11 -16.10
CA ALA A 92 -5.40 -5.27 -15.08
C ALA A 92 -4.36 -4.67 -14.14
N LEU A 93 -3.27 -5.41 -13.87
CA LEU A 93 -2.22 -4.87 -13.02
C LEU A 93 -1.43 -3.80 -13.75
N PHE A 94 -1.15 -4.04 -15.04
CA PHE A 94 -0.56 -2.99 -15.88
C PHE A 94 -1.43 -1.75 -15.89
N HIS A 95 -2.73 -1.93 -16.11
CA HIS A 95 -3.63 -0.80 -16.15
C HIS A 95 -3.62 -0.05 -14.82
N HIS A 96 -3.65 -0.78 -13.72
CA HIS A 96 -3.59 -0.11 -12.42
C HIS A 96 -2.38 0.81 -12.31
N ILE A 97 -1.21 0.28 -12.66
CA ILE A 97 0.00 1.10 -12.60
C ILE A 97 -0.18 2.35 -13.42
N GLU A 98 -0.66 2.18 -14.66
CA GLU A 98 -0.79 3.34 -15.55
C GLU A 98 -1.79 4.35 -15.00
N THR A 99 -2.98 3.89 -14.56
CA THR A 99 -4.02 4.84 -14.18
C THR A 99 -3.77 5.42 -12.81
N ALA A 100 -3.14 4.64 -11.91
CA ALA A 100 -2.79 5.19 -10.61
C ALA A 100 -1.67 6.22 -10.75
N THR A 101 -0.69 5.92 -11.63
CA THR A 101 0.41 6.87 -11.84
C THR A 101 -0.08 8.18 -12.43
N ASN A 102 -0.89 8.10 -13.48
CA ASN A 102 -1.55 9.27 -14.03
C ASN A 102 -0.53 10.34 -14.37
N ASN A 103 0.56 9.92 -15.03
CA ASN A 103 1.64 10.83 -15.41
C ASN A 103 2.25 11.57 -14.22
N GLY A 104 2.16 11.00 -13.03
CA GLY A 104 2.75 11.60 -11.86
C GLY A 104 1.75 12.23 -10.92
N LYS A 105 0.58 12.63 -11.43
CA LYS A 105 -0.47 13.15 -10.56
C LYS A 105 -1.24 11.96 -10.02
N ILE A 106 -0.67 11.34 -8.97
CA ILE A 106 -1.10 10.00 -8.54
C ILE A 106 -2.56 9.97 -8.09
N ARG A 107 -3.32 8.97 -8.56
CA ARG A 107 -4.71 8.76 -8.15
C ARG A 107 -4.76 7.59 -7.21
N PRO A 108 -5.21 7.76 -5.95
CA PRO A 108 -5.44 6.60 -5.08
C PRO A 108 -6.45 5.67 -5.72
N THR A 109 -6.01 4.45 -5.97
CA THR A 109 -6.74 3.46 -6.78
C THR A 109 -6.64 2.11 -6.11
N ILE A 110 -7.70 1.32 -6.18
CA ILE A 110 -7.62 -0.10 -5.85
C ILE A 110 -8.24 -0.85 -7.02
N THR A 111 -7.62 -1.97 -7.39
CA THR A 111 -8.16 -2.89 -8.39
C THR A 111 -8.56 -4.14 -7.62
N ILE A 112 -9.81 -4.54 -7.74
CA ILE A 112 -10.33 -5.63 -6.93
C ILE A 112 -10.56 -6.84 -7.83
N PHE A 113 -9.89 -7.96 -7.52
CA PHE A 113 -9.99 -9.20 -8.27
C PHE A 113 -11.04 -10.09 -7.62
N PRO A 114 -11.39 -11.22 -8.25
CA PRO A 114 -12.43 -12.10 -7.66
C PRO A 114 -12.05 -12.52 -6.25
N PRO A 115 -13.00 -12.54 -5.32
CA PRO A 115 -12.66 -12.87 -3.95
C PRO A 115 -12.38 -14.36 -3.85
N GLU A 116 -11.77 -14.75 -2.72
CA GLU A 116 -11.68 -16.16 -2.38
C GLU A 116 -13.06 -16.77 -2.48
N GLU A 117 -13.15 -17.94 -3.09
CA GLU A 117 -14.42 -18.65 -3.03
C GLU A 117 -14.48 -19.17 -1.61
N LYS A 118 -14.54 -20.45 -1.37
CA LYS A 118 -14.68 -20.85 0.03
C LYS A 118 -13.32 -21.31 0.52
N GLY A 119 -12.48 -20.31 0.85
CA GLY A 119 -11.09 -20.47 1.25
C GLY A 119 -10.12 -20.47 0.09
N GLU A 120 -10.57 -20.85 -1.09
CA GLU A 120 -9.72 -21.03 -2.25
C GLU A 120 -9.54 -19.69 -2.98
N LYS A 121 -8.29 -19.27 -3.14
CA LYS A 121 -7.99 -18.04 -3.85
C LYS A 121 -8.16 -18.26 -5.34
N GLN A 122 -8.78 -17.30 -6.00
CA GLN A 122 -8.87 -17.33 -7.46
C GLN A 122 -7.60 -16.79 -8.09
N VAL A 123 -7.03 -15.76 -7.49
CA VAL A 123 -5.77 -15.15 -7.92
C VAL A 123 -4.97 -14.90 -6.66
N GLU A 124 -3.69 -15.22 -6.69
CA GLU A 124 -2.81 -15.07 -5.54
C GLU A 124 -1.60 -14.24 -5.98
N ILE A 125 -1.52 -12.99 -5.52
CA ILE A 125 -0.45 -12.10 -5.94
C ILE A 125 0.74 -12.30 -5.03
N TRP A 126 1.91 -12.55 -5.61
CA TRP A 126 3.08 -12.74 -4.78
C TRP A 126 3.83 -11.44 -4.44
N ASN A 127 3.70 -10.40 -5.27
CA ASN A 127 4.40 -9.15 -4.98
C ASN A 127 3.90 -8.53 -3.68
N HIS A 128 4.84 -7.93 -2.94
CA HIS A 128 4.44 -7.08 -1.82
C HIS A 128 3.90 -5.73 -2.33
N GLN A 129 4.63 -5.11 -3.26
CA GLN A 129 4.12 -3.99 -4.05
C GLN A 129 4.27 -4.34 -5.52
N LEU A 130 3.38 -3.77 -6.36
CA LEU A 130 3.48 -4.09 -7.79
C LEU A 130 4.82 -3.62 -8.34
N ILE A 131 5.30 -2.47 -7.87
CA ILE A 131 6.59 -1.93 -8.27
C ILE A 131 7.48 -1.98 -7.06
N ARG A 132 8.57 -2.74 -7.13
CA ARG A 132 9.51 -2.85 -6.04
C ARG A 132 10.84 -3.32 -6.57
N TYR A 133 11.91 -3.02 -5.82
CA TYR A 133 13.23 -3.39 -6.28
C TYR A 133 13.62 -4.76 -5.73
N ALA A 134 14.36 -5.53 -6.56
CA ALA A 134 14.91 -6.82 -6.16
C ALA A 134 16.03 -6.65 -5.13
N GLY A 135 16.30 -7.72 -4.42
CA GLY A 135 17.37 -7.69 -3.44
C GLY A 135 18.13 -8.99 -3.49
N TYR A 136 19.43 -8.89 -3.28
CA TYR A 136 20.33 -10.04 -3.42
C TYR A 136 21.33 -10.04 -2.29
N GLU A 137 21.81 -11.23 -2.01
CA GLU A 137 22.58 -11.58 -0.79
C GLU A 137 23.35 -12.85 -1.17
N SER A 138 24.54 -12.67 -1.72
CA SER A 138 25.42 -13.77 -2.12
C SER A 138 26.78 -13.54 -1.50
N ASP A 139 27.25 -14.52 -0.71
CA ASP A 139 28.52 -14.45 0.03
C ASP A 139 28.86 -13.02 0.50
N GLY A 140 28.00 -12.52 1.41
CA GLY A 140 28.21 -11.22 1.99
C GLY A 140 28.15 -10.05 1.04
N GLU A 141 27.97 -10.30 -0.25
CA GLU A 141 27.67 -9.23 -1.21
C GLU A 141 26.16 -8.91 -1.13
N ARG A 142 25.83 -7.68 -0.72
CA ARG A 142 24.45 -7.22 -0.63
C ARG A 142 24.18 -6.27 -1.78
N ILE A 143 23.10 -6.51 -2.52
CA ILE A 143 22.74 -5.68 -3.66
C ILE A 143 21.26 -5.42 -3.61
N GLY A 144 20.86 -4.19 -3.92
CA GLY A 144 19.42 -3.89 -4.01
C GLY A 144 18.79 -3.82 -2.62
N ASP A 145 17.52 -4.23 -2.56
CA ASP A 145 16.66 -4.03 -1.41
C ASP A 145 16.57 -5.29 -0.58
N PRO A 146 17.21 -5.35 0.59
CA PRO A 146 17.16 -6.58 1.40
C PRO A 146 15.76 -7.07 1.66
N ALA A 147 14.79 -6.16 1.76
CA ALA A 147 13.43 -6.61 2.03
C ALA A 147 12.87 -7.44 0.90
N SER A 148 13.48 -7.40 -0.27
CA SER A 148 13.00 -8.20 -1.40
C SER A 148 13.76 -9.52 -1.60
N CYS A 149 14.71 -9.87 -0.72
CA CYS A 149 15.54 -11.07 -0.95
C CYS A 149 14.71 -12.34 -1.12
N SER A 150 13.75 -12.60 -0.23
CA SER A 150 13.07 -13.88 -0.39
C SER A 150 12.23 -13.91 -1.67
N LEU A 151 11.53 -12.80 -1.99
CA LEU A 151 10.72 -12.81 -3.21
C LEU A 151 11.61 -12.85 -4.43
N THR A 152 12.76 -12.15 -4.38
CA THR A 152 13.69 -12.19 -5.50
C THR A 152 14.21 -13.60 -5.73
N ALA A 153 14.58 -14.30 -4.64
CA ALA A 153 15.00 -15.70 -4.76
C ALA A 153 13.89 -16.58 -5.31
N ALA A 154 12.65 -16.39 -4.85
CA ALA A 154 11.53 -17.13 -5.42
C ALA A 154 11.43 -16.87 -6.92
N CYS A 155 11.51 -15.61 -7.34
CA CYS A 155 11.39 -15.27 -8.75
C CYS A 155 12.46 -15.95 -9.58
N GLU A 156 13.70 -15.98 -9.07
CA GLU A 156 14.77 -16.62 -9.83
C GLU A 156 14.64 -18.14 -9.84
N GLU A 157 13.78 -18.73 -9.00
CA GLU A 157 13.46 -20.14 -9.17
C GLU A 157 12.56 -20.34 -10.38
N LEU A 158 11.79 -19.34 -10.76
CA LEU A 158 10.84 -19.49 -11.84
C LEU A 158 11.39 -19.07 -13.18
N GLY A 159 12.68 -18.84 -13.26
CA GLY A 159 13.32 -18.53 -14.53
C GLY A 159 13.53 -17.07 -14.83
N TRP A 160 13.15 -16.16 -13.94
CA TRP A 160 13.49 -14.75 -14.08
C TRP A 160 14.95 -14.43 -13.67
N GLY A 162 17.59 -11.46 -12.49
CA GLY A 162 17.77 -10.01 -12.31
C GLY A 162 19.13 -9.52 -12.79
N GLU A 163 19.22 -8.25 -13.23
CA GLU A 163 20.52 -7.72 -13.64
C GLU A 163 21.49 -7.44 -12.51
N ARG A 164 21.01 -7.44 -11.25
CA ARG A 164 21.80 -7.23 -10.03
C ARG A 164 22.39 -5.83 -9.98
N THR A 165 21.62 -4.85 -10.46
CA THR A 165 21.75 -3.49 -10.03
C THR A 165 21.07 -3.36 -8.67
N ASP A 166 21.26 -2.19 -8.03
CA ASP A 166 20.59 -1.93 -6.78
C ASP A 166 19.13 -1.57 -6.97
N PHE A 167 18.69 -1.39 -8.21
CA PHE A 167 17.32 -0.98 -8.52
C PHE A 167 16.72 -1.78 -9.65
N ASP A 168 16.84 -3.13 -9.58
CA ASP A 168 16.15 -4.01 -10.53
C ASP A 168 14.67 -4.03 -10.20
N LEU A 169 13.80 -3.84 -11.20
CA LEU A 169 12.36 -4.00 -10.95
C LEU A 169 12.02 -5.48 -10.90
N LEU A 170 11.43 -5.92 -9.79
CA LEU A 170 10.88 -7.25 -9.77
C LEU A 170 9.77 -7.36 -10.80
N PRO A 171 9.56 -8.55 -11.33
CA PRO A 171 8.43 -8.74 -12.24
C PRO A 171 7.17 -8.91 -11.42
N LEU A 172 6.04 -8.69 -12.09
CA LEU A 172 4.78 -9.16 -11.53
C LEU A 172 4.84 -10.67 -11.43
N ILE A 173 4.42 -11.19 -10.29
CA ILE A 173 4.38 -12.60 -10.07
C ILE A 173 3.10 -12.94 -9.33
N PHE A 174 2.31 -13.84 -9.91
CA PHE A 174 1.04 -14.22 -9.33
C PHE A 174 0.69 -15.61 -9.84
N ARG A 175 -0.18 -16.27 -9.09
CA ARG A 175 -0.66 -17.62 -9.37
C ARG A 175 -2.17 -17.62 -9.56
N MET A 176 -2.63 -18.37 -10.55
CA MET A 176 -4.06 -18.58 -10.77
C MET A 176 -4.49 -19.87 -10.11
N LYS A 177 -5.72 -19.87 -9.60
CA LYS A 177 -6.33 -21.07 -9.10
C LYS A 177 -6.15 -22.17 -10.14
N GLY A 178 -5.68 -23.31 -9.69
CA GLY A 178 -5.51 -24.43 -10.57
C GLY A 178 -4.08 -24.62 -11.02
N ASP A 179 -3.30 -23.55 -11.07
CA ASP A 179 -1.90 -23.69 -11.41
C ASP A 179 -1.07 -23.99 -10.18
N GLU A 180 -0.11 -24.89 -10.33
CA GLU A 180 0.81 -25.16 -9.24
C GLU A 180 1.88 -24.09 -9.09
N GLN A 181 2.23 -23.39 -10.17
CA GLN A 181 3.30 -22.39 -10.08
C GLN A 181 2.77 -21.01 -10.49
N PRO A 182 3.26 -19.95 -9.88
CA PRO A 182 2.88 -18.61 -10.36
C PRO A 182 3.52 -18.36 -11.72
N VAL A 183 2.97 -17.40 -12.45
CA VAL A 183 3.65 -16.88 -13.62
C VAL A 183 4.29 -15.56 -13.24
N TRP A 184 5.27 -15.11 -14.05
CA TRP A 184 5.82 -13.78 -13.89
C TRP A 184 5.88 -13.02 -15.22
N TYR A 185 5.79 -11.69 -15.14
CA TYR A 185 5.81 -10.80 -16.29
C TYR A 185 6.66 -9.60 -15.95
N GLU A 186 7.64 -9.33 -16.80
CA GLU A 186 8.47 -8.13 -16.65
C GLU A 186 7.61 -6.88 -16.79
N LEU A 187 7.86 -5.89 -15.94
CA LEU A 187 7.06 -4.68 -16.04
C LEU A 187 7.53 -3.89 -17.25
N PRO A 188 6.64 -3.39 -18.09
CA PRO A 188 7.07 -2.45 -19.13
C PRO A 188 7.63 -1.17 -18.51
N ARG A 189 8.86 -0.80 -18.90
CA ARG A 189 9.49 0.33 -18.23
C ARG A 189 8.78 1.65 -18.55
N SER A 190 8.12 1.74 -19.72
CA SER A 190 7.30 2.91 -20.02
C SER A 190 6.24 3.19 -18.94
N LEU A 191 5.83 2.17 -18.19
CA LEU A 191 4.80 2.33 -17.17
C LEU A 191 5.32 2.75 -15.81
N VAL A 192 6.62 2.67 -15.59
CA VAL A 192 7.17 2.84 -14.23
C VAL A 192 7.86 4.19 -14.16
N ILE A 193 7.29 5.15 -13.42
CA ILE A 193 8.02 6.36 -13.15
C ILE A 193 8.97 6.12 -11.98
N GLU A 194 10.20 6.57 -12.13
CA GLU A 194 11.19 6.61 -11.08
C GLU A 194 11.71 8.03 -10.94
N VAL A 195 12.12 8.35 -9.72
CA VAL A 195 12.57 9.68 -9.39
C VAL A 195 14.02 9.61 -8.94
N PRO A 196 14.95 10.25 -9.66
CA PRO A 196 16.32 10.38 -9.13
C PRO A 196 16.34 11.34 -7.96
N ILE A 197 17.12 11.00 -6.93
CA ILE A 197 17.14 11.81 -5.70
C ILE A 197 18.28 12.80 -5.82
N THR A 198 17.92 14.07 -5.88
CA THR A 198 18.86 15.16 -5.82
C THR A 198 18.48 16.03 -4.64
N HIS A 199 19.42 16.88 -4.23
CA HIS A 199 19.18 17.75 -3.09
C HIS A 199 18.99 19.18 -3.58
N PRO A 200 18.11 19.99 -2.95
CA PRO A 200 17.86 21.34 -3.47
C PRO A 200 19.08 22.24 -3.41
N ASP A 201 20.03 21.99 -2.51
CA ASP A 201 21.10 22.90 -2.20
C ASP A 201 22.47 22.31 -2.44
N ILE A 202 22.62 21.00 -2.32
CA ILE A 202 23.90 20.31 -2.25
C ILE A 202 24.09 19.52 -3.53
N GLU A 203 24.87 20.09 -4.45
CA GLU A 203 24.96 19.48 -5.77
C GLU A 203 25.56 18.09 -5.69
N ALA A 204 26.44 17.83 -4.71
CA ALA A 204 27.06 16.53 -4.64
C ALA A 204 26.09 15.41 -4.30
N PHE A 205 24.88 15.74 -3.85
CA PHE A 205 23.97 14.69 -3.42
C PHE A 205 23.72 13.67 -4.53
N SER A 206 23.73 14.12 -5.78
CA SER A 206 23.53 13.26 -6.92
C SER A 206 24.63 12.21 -7.10
N ASP A 207 25.80 12.42 -6.46
CA ASP A 207 26.85 11.41 -6.50
C ASP A 207 26.42 10.10 -5.87
N LEU A 208 25.43 10.13 -4.96
CA LEU A 208 24.89 8.91 -4.36
C LEU A 208 24.09 8.08 -5.35
N GLU A 209 23.64 8.68 -6.45
CA GLU A 209 22.90 7.95 -7.47
C GLU A 209 21.71 7.18 -6.89
N LEU A 210 21.01 7.80 -5.95
CA LEU A 210 19.80 7.21 -5.37
C LEU A 210 18.61 7.45 -6.30
N LYS A 211 17.66 6.54 -6.29
CA LYS A 211 16.38 6.81 -6.94
C LYS A 211 15.34 6.01 -6.18
N TRP A 212 14.08 6.33 -6.43
CA TRP A 212 13.01 5.52 -5.90
C TRP A 212 11.87 5.55 -6.90
N TYR A 213 10.94 4.63 -6.74
CA TYR A 213 9.88 4.60 -7.73
C TYR A 213 8.74 5.51 -7.29
N GLY A 214 7.91 5.88 -8.25
CA GLY A 214 6.96 6.90 -7.97
C GLY A 214 5.78 6.47 -7.13
N VAL A 215 5.29 5.26 -7.30
CA VAL A 215 3.99 4.89 -6.81
C VAL A 215 4.05 3.62 -5.95
N PRO A 216 3.75 3.69 -4.65
CA PRO A 216 3.72 2.48 -3.81
C PRO A 216 2.37 1.79 -3.95
N ILE A 217 2.36 0.57 -4.51
CA ILE A 217 1.11 -0.12 -4.83
C ILE A 217 1.10 -1.41 -4.06
N ILE A 218 0.52 -1.38 -2.85
CA ILE A 218 0.59 -2.52 -1.93
C ILE A 218 -0.34 -3.61 -2.44
N SER A 219 0.23 -4.81 -2.61
CA SER A 219 -0.48 -5.80 -3.39
C SER A 219 -0.58 -7.15 -2.67
N ASP A 220 -0.31 -7.18 -1.37
CA ASP A 220 -0.34 -8.45 -0.66
C ASP A 220 -1.30 -8.42 0.53
N MET A 221 -2.18 -7.43 0.61
CA MET A 221 -3.12 -7.31 1.74
C MET A 221 -4.49 -7.83 1.31
N LYS A 222 -5.21 -8.41 2.25
CA LYS A 222 -6.58 -8.84 2.03
C LYS A 222 -7.56 -7.72 2.35
N LEU A 223 -8.47 -7.44 1.41
CA LEU A 223 -9.59 -6.55 1.66
C LEU A 223 -10.79 -7.38 2.05
N GLU A 224 -11.35 -7.11 3.22
CA GLU A 224 -12.52 -7.84 3.69
C GLU A 224 -13.69 -6.89 3.75
N VAL A 225 -14.76 -7.23 3.06
CA VAL A 225 -15.97 -6.42 3.05
C VAL A 225 -17.16 -7.34 3.25
N GLY A 226 -17.89 -7.14 4.35
CA GLY A 226 -19.07 -7.95 4.64
C GLY A 226 -18.85 -9.46 4.52
N GLY A 227 -17.77 -9.96 5.10
CA GLY A 227 -17.51 -11.38 5.07
C GLY A 227 -16.93 -11.91 3.76
N ILE A 228 -16.87 -11.09 2.71
CA ILE A 228 -16.24 -11.54 1.46
C ILE A 228 -14.77 -11.16 1.52
N HIS A 229 -13.90 -12.12 1.20
CA HIS A 229 -12.45 -11.99 1.39
C HIS A 229 -11.77 -11.76 0.05
N TYR A 230 -11.42 -10.52 -0.23
CA TYR A 230 -10.73 -10.15 -1.47
C TYR A 230 -9.24 -10.17 -1.19
N ASN A 231 -8.64 -11.35 -1.30
CA ASN A 231 -7.23 -11.49 -1.01
C ASN A 231 -6.36 -10.80 -2.05
N ALA A 232 -6.88 -10.58 -3.26
CA ALA A 232 -6.11 -9.93 -4.31
C ALA A 232 -6.83 -8.62 -4.63
N ALA A 233 -6.33 -7.52 -4.09
CA ALA A 233 -6.95 -6.22 -4.29
C ALA A 233 -5.88 -5.14 -4.11
N PRO A 234 -4.93 -5.04 -5.04
CA PRO A 234 -3.83 -4.09 -4.83
C PRO A 234 -4.34 -2.66 -4.82
N PHE A 235 -3.73 -1.83 -3.97
CA PHE A 235 -4.16 -0.46 -3.86
C PHE A 235 -2.91 0.42 -3.70
N ASN A 236 -3.10 1.71 -3.96
CA ASN A 236 -1.99 2.64 -3.86
C ASN A 236 -2.51 3.97 -3.33
N GLY A 237 -1.64 4.69 -2.63
CA GLY A 237 -1.82 6.12 -2.43
C GLY A 237 -0.63 6.77 -3.11
N TRP A 238 -0.21 7.93 -2.63
CA TRP A 238 1.10 8.46 -2.93
C TRP A 238 1.95 8.33 -1.67
N TYR A 239 3.27 8.44 -1.84
CA TYR A 239 4.20 8.30 -0.73
C TYR A 239 4.08 9.47 0.22
N MET A 240 4.35 9.19 1.50
CA MET A 240 4.73 10.26 2.42
C MET A 240 6.25 10.19 2.45
N GLY A 241 6.90 11.35 2.34
CA GLY A 241 8.31 11.35 2.02
C GLY A 241 9.17 10.55 3.02
N THR A 242 8.80 10.53 4.31
CA THR A 242 9.56 9.75 5.31
C THR A 242 9.61 8.25 5.01
N GLU A 243 8.60 7.71 4.29
CA GLU A 243 8.65 6.28 4.00
C GLU A 243 9.89 5.97 3.19
N ILE A 244 10.25 6.88 2.30
CA ILE A 244 11.41 6.77 1.44
C ILE A 244 12.66 7.23 2.15
N GLY A 245 12.64 8.45 2.70
CA GLY A 245 13.85 9.03 3.22
C GLY A 245 14.22 8.57 4.61
N ALA A 246 13.24 8.14 5.39
CA ALA A 246 13.56 7.74 6.75
C ALA A 246 13.62 6.24 6.92
N ARG A 247 13.15 5.48 5.92
CA ARG A 247 13.01 4.05 6.13
C ARG A 247 13.62 3.30 4.95
N ASN A 248 13.07 3.47 3.74
CA ASN A 248 13.53 2.65 2.61
C ASN A 248 15.01 2.89 2.30
N LEU A 249 15.44 4.14 2.32
CA LEU A 249 16.80 4.46 1.99
C LEU A 249 17.69 4.55 3.23
N ALA A 250 17.11 4.62 4.41
CA ALA A 250 17.86 4.92 5.63
C ALA A 250 18.05 3.74 6.55
N ASP A 251 17.08 2.83 6.62
CA ASP A 251 17.17 1.70 7.55
C ASP A 251 18.45 0.90 7.29
N GLU A 252 19.05 0.41 8.38
CA GLU A 252 20.25 -0.43 8.20
C GLU A 252 19.95 -1.71 7.46
N LYS A 253 18.76 -2.26 7.64
CA LYS A 253 18.33 -3.46 6.92
C LYS A 253 17.63 -3.14 5.59
N ARG A 254 17.67 -1.89 5.13
CA ARG A 254 17.24 -1.57 3.78
C ARG A 254 18.42 -1.01 3.01
N TYR A 255 18.29 0.15 2.40
CA TYR A 255 19.41 0.63 1.61
C TYR A 255 20.53 1.26 2.45
N ASP A 256 20.28 1.55 3.72
CA ASP A 256 21.35 1.89 4.68
C ASP A 256 22.24 3.04 4.17
N LYS A 257 21.65 4.18 3.78
CA LYS A 257 22.45 5.21 3.12
C LYS A 257 22.93 6.35 4.00
N LEU A 258 22.63 6.34 5.30
CA LEU A 258 22.90 7.55 6.09
C LEU A 258 24.37 7.89 6.15
N LYS A 259 25.25 6.88 6.26
CA LYS A 259 26.64 7.27 6.37
C LYS A 259 27.12 7.88 5.05
N LYS A 260 26.63 7.38 3.90
CA LYS A 260 26.97 8.00 2.63
C LYS A 260 26.31 9.38 2.50
N VAL A 261 25.09 9.53 2.99
CA VAL A 261 24.49 10.87 3.03
C VAL A 261 25.36 11.83 3.83
N ALA A 262 25.76 11.43 5.03
CA ALA A 262 26.59 12.29 5.87
C ALA A 262 27.82 12.77 5.10
N SER A 263 28.44 11.86 4.37
CA SER A 263 29.68 12.22 3.71
C SER A 263 29.44 13.23 2.60
N VAL A 264 28.41 13.02 1.76
CA VAL A 264 28.19 14.02 0.71
C VAL A 264 27.58 15.32 1.22
N ILE A 265 26.98 15.35 2.41
CA ILE A 265 26.55 16.67 2.87
C ILE A 265 27.64 17.32 3.70
N GLY A 266 28.80 16.67 3.81
CA GLY A 266 29.96 17.32 4.39
C GLY A 266 30.04 17.31 5.89
N ILE A 267 29.40 16.37 6.57
CA ILE A 267 29.51 16.30 8.03
C ILE A 267 30.16 14.98 8.40
N ALA A 268 30.86 14.99 9.53
CA ALA A 268 31.50 13.81 10.06
C ALA A 268 30.44 12.84 10.59
N ALA A 269 30.71 11.54 10.48
CA ALA A 269 29.81 10.51 10.96
C ALA A 269 30.46 9.70 12.06
N ASP A 270 31.11 10.40 12.99
CA ASP A 270 31.98 9.75 13.97
C ASP A 270 31.40 9.74 15.38
N TYR A 271 30.66 10.77 15.79
CA TYR A 271 30.24 10.91 17.18
C TYR A 271 28.73 10.95 17.29
N ASN A 272 28.18 10.11 18.16
CA ASN A 272 26.74 10.13 18.37
C ASN A 272 26.25 11.52 18.70
N THR A 273 27.02 12.25 19.51
CA THR A 273 26.58 13.54 20.02
C THR A 273 26.57 14.63 18.97
N ASP A 274 27.14 14.38 17.80
CA ASP A 274 27.02 15.29 16.69
C ASP A 274 25.67 15.17 16.01
N LEU A 275 24.89 14.15 16.35
CA LEU A 275 23.57 13.95 15.77
C LEU A 275 23.67 13.89 14.25
N TRP A 276 24.74 13.23 13.77
CA TRP A 276 24.95 13.18 12.34
C TRP A 276 23.88 12.30 11.69
N LYS A 277 23.41 11.25 12.37
CA LYS A 277 22.36 10.46 11.76
C LYS A 277 21.10 11.32 11.59
N ASP A 278 20.83 12.17 12.58
CA ASP A 278 19.58 12.95 12.54
C ASP A 278 19.66 14.00 11.44
N GLN A 279 20.81 14.64 11.31
CA GLN A 279 21.02 15.65 10.28
C GLN A 279 20.99 15.04 8.89
N ALA A 280 21.70 13.91 8.72
CA ALA A 280 21.63 13.17 7.45
C ALA A 280 20.20 12.79 7.09
N LEU A 281 19.44 12.28 8.08
CA LEU A 281 18.02 11.96 7.85
C LEU A 281 17.24 13.16 7.34
N VAL A 282 17.45 14.34 7.94
CA VAL A 282 16.69 15.53 7.53
C VAL A 282 17.06 15.92 6.11
N GLU A 283 18.35 15.93 5.79
CA GLU A 283 18.74 16.29 4.44
C GLU A 283 18.28 15.27 3.43
N LEU A 284 18.37 13.97 3.75
CA LEU A 284 17.87 12.94 2.84
C LEU A 284 16.37 13.09 2.61
N ASN A 285 15.62 13.36 3.67
CA ASN A 285 14.17 13.52 3.51
C ASN A 285 13.82 14.82 2.78
N LYS A 286 14.61 15.89 2.95
CA LYS A 286 14.42 17.09 2.16
C LYS A 286 14.66 16.77 0.69
N ALA A 287 15.72 16.00 0.41
CA ALA A 287 16.06 15.71 -0.98
C ALA A 287 14.96 14.92 -1.64
N VAL A 288 14.40 13.94 -0.92
CA VAL A 288 13.32 13.13 -1.47
C VAL A 288 12.11 14.01 -1.85
N LEU A 289 11.68 14.88 -0.95
CA LEU A 289 10.49 15.72 -1.26
C LEU A 289 10.80 16.63 -2.42
N HIS A 290 11.97 17.24 -2.40
CA HIS A 290 12.40 18.10 -3.50
C HIS A 290 12.37 17.36 -4.83
N SER A 291 12.87 16.13 -4.82
CA SER A 291 13.03 15.39 -6.06
C SER A 291 11.67 14.99 -6.65
N TYR A 292 10.77 14.49 -5.80
CA TYR A 292 9.44 14.15 -6.28
C TYR A 292 8.74 15.39 -6.84
N LYS A 293 8.84 16.52 -6.14
CA LYS A 293 8.18 17.75 -6.56
C LYS A 293 8.75 18.25 -7.88
N LYS A 294 10.07 18.26 -7.99
CA LYS A 294 10.73 18.70 -9.23
C LYS A 294 10.26 17.84 -10.40
N GLN A 295 10.09 16.55 -10.18
CA GLN A 295 9.67 15.71 -11.30
C GLN A 295 8.17 15.71 -11.54
N GLY A 296 7.40 16.44 -10.76
CA GLY A 296 5.96 16.37 -10.90
C GLY A 296 5.33 15.05 -10.48
N VAL A 297 5.89 14.37 -9.48
CA VAL A 297 5.27 13.16 -8.95
C VAL A 297 4.70 13.46 -7.57
N SER A 298 3.43 13.08 -7.36
CA SER A 298 2.80 13.39 -6.08
C SER A 298 3.58 12.82 -4.90
N ILE A 299 3.62 13.58 -3.81
CA ILE A 299 4.26 13.15 -2.57
C ILE A 299 3.74 14.09 -1.49
N VAL A 300 3.73 13.64 -0.23
CA VAL A 300 3.30 14.50 0.89
C VAL A 300 4.39 14.44 1.96
N ASP A 301 4.64 15.56 2.60
CA ASP A 301 5.56 15.59 3.71
C ASP A 301 4.78 15.25 4.97
N HIS A 302 5.52 14.82 6.02
CA HIS A 302 4.82 14.30 7.19
C HIS A 302 4.07 15.41 7.96
N HIS A 303 4.50 16.65 7.86
CA HIS A 303 3.77 17.73 8.54
C HIS A 303 2.42 17.99 7.87
N THR A 304 2.42 18.13 6.54
CA THR A 304 1.16 18.29 5.81
C THR A 304 0.26 17.09 6.00
N ALA A 305 0.84 15.90 5.92
CA ALA A 305 0.07 14.67 6.13
C ALA A 305 -0.62 14.66 7.49
N ALA A 306 0.11 15.02 8.57
CA ALA A 306 -0.52 14.99 9.87
C ALA A 306 -1.57 16.09 10.00
N SER A 307 -1.37 17.22 9.33
CA SER A 307 -2.38 18.27 9.28
C SER A 307 -3.64 17.76 8.62
N GLN A 308 -3.47 16.98 7.53
CA GLN A 308 -4.59 16.33 6.86
C GLN A 308 -5.25 15.33 7.79
N PHE A 309 -4.44 14.60 8.55
CA PHE A 309 -5.02 13.58 9.41
C PHE A 309 -5.82 14.22 10.54
N LYS A 310 -5.38 15.38 11.00
CA LYS A 310 -6.17 16.10 12.00
C LYS A 310 -7.53 16.48 11.44
N ARG A 311 -7.56 16.84 10.17
CA ARG A 311 -8.84 17.13 9.54
C ARG A 311 -9.69 15.87 9.43
N PHE A 312 -9.06 14.73 9.18
CA PHE A 312 -9.79 13.46 9.21
C PHE A 312 -10.38 13.19 10.58
N GLU A 313 -9.61 13.44 11.66
CA GLU A 313 -10.15 13.27 13.01
C GLU A 313 -11.36 14.18 13.22
N GLU A 314 -11.27 15.42 12.75
CA GLU A 314 -12.37 16.36 12.93
C GLU A 314 -13.57 15.96 12.08
N GLN A 315 -13.31 15.44 10.87
CA GLN A 315 -14.41 14.96 10.04
C GLN A 315 -15.09 13.75 10.68
N ALA A 316 -14.32 12.86 11.31
CA ALA A 316 -14.92 11.73 11.99
C ALA A 316 -15.88 12.20 13.08
N GLU A 317 -15.39 13.03 13.98
CA GLU A 317 -16.21 13.50 15.10
C GLU A 317 -17.47 14.21 14.59
N GLU A 318 -17.32 15.03 13.55
CA GLU A 318 -18.45 15.76 12.99
C GLU A 318 -19.47 14.83 12.33
N ALA A 319 -19.02 13.68 11.81
CA ALA A 319 -19.93 12.69 11.25
C ALA A 319 -20.48 11.74 12.31
N GLY A 320 -20.08 11.89 13.57
CA GLY A 320 -20.46 10.96 14.60
C GLY A 320 -19.90 9.55 14.45
N ARG A 321 -18.76 9.38 13.78
CA ARG A 321 -18.07 8.09 13.71
C ARG A 321 -16.95 8.02 14.73
N LYS A 322 -16.82 6.86 15.37
CA LYS A 322 -15.64 6.67 16.21
C LYS A 322 -14.39 6.71 15.34
N LEU A 323 -13.34 7.31 15.87
CA LEU A 323 -12.04 7.30 15.24
C LEU A 323 -11.23 6.15 15.83
N THR A 324 -10.63 5.34 14.97
CA THR A 324 -9.65 4.39 15.46
C THR A 324 -8.28 4.66 14.83
N GLY A 325 -7.24 4.22 15.49
CA GLY A 325 -5.93 4.54 15.00
C GLY A 325 -4.86 3.81 15.78
N ASP A 326 -3.74 3.57 15.13
CA ASP A 326 -2.57 2.96 15.74
C ASP A 326 -1.50 4.03 15.89
N TRP A 327 -1.38 4.60 17.11
CA TRP A 327 -0.42 5.65 17.38
C TRP A 327 1.00 5.28 16.94
N THR A 328 1.42 4.03 17.16
CA THR A 328 2.79 3.64 16.84
C THR A 328 3.07 3.64 15.35
N TRP A 329 2.04 3.55 14.50
CA TRP A 329 2.23 3.71 13.06
C TRP A 329 1.84 5.11 12.55
N LEU A 330 0.93 5.80 13.24
CA LEU A 330 0.55 7.14 12.80
C LEU A 330 1.68 8.15 12.99
N ILE A 331 2.44 8.07 14.09
CA ILE A 331 3.48 9.12 14.23
C ILE A 331 4.52 8.92 13.15
N PRO A 332 5.06 10.00 12.56
CA PRO A 332 6.10 9.83 11.55
C PRO A 332 7.42 9.48 12.20
N PRO A 333 8.32 8.80 11.48
CA PRO A 333 9.66 8.47 12.01
C PRO A 333 10.61 9.65 12.05
N ILE A 334 10.21 10.84 11.58
CA ILE A 334 11.02 12.05 11.62
C ILE A 334 10.23 13.09 12.41
N SER A 335 10.89 13.70 13.43
CA SER A 335 10.24 14.70 14.29
C SER A 335 8.81 14.36 14.69
N PRO A 336 8.55 13.19 15.25
CA PRO A 336 7.16 12.86 15.56
C PRO A 336 6.50 13.81 16.55
N ALA A 337 7.22 14.31 17.56
CA ALA A 337 6.63 15.24 18.52
C ALA A 337 6.32 16.61 17.90
N ALA A 338 6.73 16.85 16.66
CA ALA A 338 6.29 18.06 16.01
C ALA A 338 4.91 17.92 15.34
N THR A 339 4.25 16.77 15.45
CA THR A 339 2.90 16.56 14.94
C THR A 339 1.94 16.43 16.10
N HIS A 340 0.65 16.78 15.85
CA HIS A 340 -0.38 16.65 16.89
C HIS A 340 -0.60 15.21 17.29
N ILE A 341 -0.37 14.28 16.35
CA ILE A 341 -0.59 12.86 16.58
C ILE A 341 0.14 12.39 17.83
N PHE A 342 1.42 12.74 17.91
CA PHE A 342 2.27 12.32 19.02
C PHE A 342 1.66 12.67 20.37
N HIS A 343 0.93 13.78 20.43
CA HIS A 343 0.45 14.33 21.70
C HIS A 343 -0.95 13.90 22.03
N ARG A 344 -1.49 12.89 21.33
CA ARG A 344 -2.77 12.34 21.73
C ARG A 344 -2.71 10.83 21.62
N SER A 345 -3.80 10.21 22.04
CA SER A 345 -3.90 8.76 22.02
C SER A 345 -5.02 8.36 21.03
N TYR A 346 -5.00 7.10 20.63
CA TYR A 346 -5.93 6.57 19.66
C TYR A 346 -6.38 5.18 20.09
N ASP A 347 -7.68 4.92 19.91
CA ASP A 347 -8.26 3.59 20.08
C ASP A 347 -7.90 2.71 18.90
N ASN A 348 -7.11 1.65 19.16
CA ASN A 348 -6.64 0.71 18.15
C ASN A 348 -7.62 -0.41 17.89
N SER A 349 -8.92 -0.21 18.14
CA SER A 349 -9.88 -1.26 17.83
C SER A 349 -9.94 -1.52 16.33
N ILE A 350 -10.17 -2.78 15.98
CA ILE A 350 -10.31 -3.19 14.59
C ILE A 350 -11.79 -3.15 14.21
N VAL A 351 -12.09 -2.32 13.21
CA VAL A 351 -13.42 -2.16 12.64
C VAL A 351 -13.35 -2.65 11.19
N LYS A 352 -14.36 -3.38 10.76
CA LYS A 352 -14.44 -3.82 9.37
C LYS A 352 -15.50 -3.02 8.63
N PRO A 353 -15.41 -2.90 7.30
CA PRO A 353 -14.40 -3.40 6.34
C PRO A 353 -12.98 -2.94 6.66
N ASN A 354 -11.99 -3.69 6.23
CA ASN A 354 -10.62 -3.32 6.57
C ASN A 354 -9.69 -4.08 5.63
N TYR A 355 -8.42 -3.66 5.65
CA TYR A 355 -7.32 -4.36 4.99
C TYR A 355 -6.53 -5.15 6.04
N PHE A 356 -6.14 -6.36 5.68
CA PHE A 356 -5.52 -7.30 6.60
C PHE A 356 -4.32 -7.97 5.96
N TYR A 357 -3.38 -8.31 6.82
CA TYR A 357 -2.26 -9.14 6.44
C TYR A 357 -2.73 -10.53 6.07
N GLN A 358 -2.00 -11.19 5.19
CA GLN A 358 -2.26 -12.60 4.91
C GLN A 358 -0.92 -13.27 4.71
N ASP A 359 -0.89 -14.61 4.87
CA ASP A 359 0.37 -15.33 4.78
C ASP A 359 0.98 -15.20 3.38
N LYS A 360 2.29 -15.03 3.33
CA LYS A 360 2.98 -15.08 2.06
C LYS A 360 2.91 -16.48 1.46
N PRO A 361 2.79 -16.59 0.14
CA PRO A 361 2.90 -17.91 -0.51
C PRO A 361 4.32 -18.39 -0.69
N TYR A 362 5.34 -17.53 -0.65
CA TYR A 362 6.73 -17.97 -0.74
C TYR A 362 7.35 -17.98 0.65
N GLU A 363 8.42 -18.75 0.80
CA GLU A 363 9.02 -18.92 2.13
C GLU A 363 9.62 -17.62 2.64
CHA HEM B . -0.31 2.60 6.17
CHB HEM B . 0.21 7.01 4.19
CHC HEM B . -3.28 5.91 0.95
CHD HEM B . -4.27 1.83 3.41
C1A HEM B . 0.20 3.80 5.77
C2A HEM B . 1.47 4.29 6.19
C3A HEM B . 1.60 5.53 5.68
C4A HEM B . 0.46 5.81 4.86
CMA HEM B . 2.78 6.46 5.89
CAA HEM B . 2.45 3.64 7.16
CBA HEM B . 3.32 2.64 6.47
CGA HEM B . 4.69 2.64 7.11
O1A HEM B . 5.64 2.20 6.42
O2A HEM B . 4.87 3.07 8.28
C1B HEM B . -0.71 7.13 3.12
C2B HEM B . -0.73 8.17 2.17
C3B HEM B . -1.70 7.90 1.26
C4B HEM B . -2.30 6.61 1.71
CMB HEM B . 0.15 9.39 2.13
CAB HEM B . -2.07 8.75 0.08
CBB HEM B . -3.34 8.81 -0.44
C1C HEM B . -3.77 4.66 1.27
C2C HEM B . -4.75 3.95 0.54
C3C HEM B . -5.11 2.82 1.27
C4C HEM B . -4.25 2.80 2.43
CMC HEM B . -5.34 4.43 -0.77
CAC HEM B . -6.08 1.77 0.88
CBC HEM B . -7.14 1.97 0.05
C1D HEM B . -3.23 1.78 4.36
C2D HEM B . -3.06 0.58 5.19
C3D HEM B . -1.96 0.79 5.92
C4D HEM B . -1.46 2.12 5.56
CMD HEM B . -3.86 -0.70 5.25
CAD HEM B . -1.37 -0.19 6.93
CBD HEM B . -0.50 -1.27 6.27
CGD HEM B . 0.12 -2.23 7.29
O1D HEM B . 1.23 -2.75 7.05
O2D HEM B . -0.45 -2.51 8.36
NA HEM B . -0.43 4.76 4.97
NB HEM B . -1.61 6.20 2.80
NC HEM B . -3.53 3.96 2.41
ND HEM B . -2.24 2.69 4.59
FE HEM B . -2.13 4.49 3.91
C02 V57 C . 1.51 4.78 1.50
C03 V57 C . 0.21 4.53 1.10
C04 V57 C . -0.37 3.30 1.45
C05 V57 C . 0.36 2.35 2.20
C06 V57 C . -0.28 1.10 2.52
C07 V57 C . 0.47 0.15 3.24
C08 V57 C . 1.77 0.38 3.60
C09 V57 C . 2.50 -0.73 4.37
C11 V57 C . 4.58 -1.10 5.55
C12 V57 C . 4.34 -2.47 5.58
C13 V57 C . 5.21 -3.35 6.29
C14 V57 C . 6.31 -2.82 6.99
C15 V57 C . 6.57 -1.44 6.96
C16 V57 C . 7.75 -0.84 7.69
C18 V57 C . 6.85 -0.22 9.71
C19 V57 C . 6.19 0.94 10.43
C20 V57 C . 6.40 0.67 11.86
C21 V57 C . 5.85 1.52 12.83
C22 V57 C . 6.08 1.19 14.17
C23 V57 C . 6.82 0.07 14.50
C24 V57 C . 7.36 -0.73 13.50
C26 V57 C . 5.70 -0.59 6.24
C27 V57 C . 2.41 1.61 3.29
C28 V57 C . 1.63 2.61 2.58
N01 V57 C . 2.14 6.04 1.20
N17 V57 C . 7.36 0.30 8.50
N25 V57 C . 7.13 -0.41 12.20
N29 V57 C . 2.19 3.83 2.22
O10 V57 C . 3.73 -0.18 4.84
CL CL D . 7.59 1.51 0.51
C1 GOL E . 18.78 -18.81 -13.17
O1 GOL E . 18.32 -19.95 -13.92
C2 GOL E . 17.81 -17.60 -12.91
O2 GOL E . 16.43 -17.99 -13.08
C3 GOL E . 18.16 -16.28 -13.63
O3 GOL E . 17.11 -15.82 -14.50
C1 GOL F . 0.79 15.62 -1.31
O1 GOL F . 0.70 16.65 -2.27
C2 GOL F . -0.44 14.80 -1.05
O2 GOL F . -1.05 14.43 -2.29
C3 GOL F . -1.32 15.49 0.00
O3 GOL F . -1.03 16.89 -0.03
#